data_5AA9
#
_entry.id   5AA9
#
_cell.length_a   51.815
_cell.length_b   57.182
_cell.length_c   105.044
_cell.angle_alpha   90.00
_cell.angle_beta   90.00
_cell.angle_gamma   90.00
#
_symmetry.space_group_name_H-M   'P 21 21 21'
#
loop_
_entity.id
_entity.type
_entity.pdbx_description
1 polymer 'ALK TYROSINE KINASE RECEPTOR'
2 non-polymer (10R)-7-amino-12-fluoro-2,10,16-trimethyl-15-oxo-10,15,16,17-tetrahydro-2H-8,4-(metheno)pyrazolo[4,3-h][2,5,11]benzoxadiazacyclotetradecine-3-carbonitrile
3 water water
#
_entity_poly.entity_id   1
_entity_poly.type   'polypeptide(L)'
_entity_poly.pdbx_seq_one_letter_code
;MAHHHHHHNPNYCFAGKTSSISDLKEVPRKNITLIRGLGHGAFGEVYEGQVSGMPNDPSPLQVAVKTLPEVCSEQDELDF
LMEALIISKFNHQNIVRCIGVSLQSLPRFILLEFMAGGDLKSFLRETRPRPSQPSSLAMLDLLHVARDIACGCQYLEENH
FIHRDIAARNCLLTCPGPGRVAKIGDFGMARDIYRASYYRKGGCAMLPVKWMPPEAFMEGIFTSKTDTWSFGVLLWEIFS
LGYMPYPSKSNQEVLEFVTSGGRMDPPKNCPGPVYRIMTQCWQHQPEDRPNFAIILERIEYCTQDPDVINTALPIEYGPL
VEEEEKV
;
_entity_poly.pdbx_strand_id   A
#
loop_
_chem_comp.id
_chem_comp.type
_chem_comp.name
_chem_comp.formula
5P8 non-polymer (10R)-7-amino-12-fluoro-2,10,16-trimethyl-15-oxo-10,15,16,17-tetrahydro-2H-8,4-(metheno)pyrazolo[4,3-h][2,5,11]benzoxadiazacyclotetradecine-3-carbonitrile 'C21 H19 F N6 O2'
#
# COMPACT_ATOMS: atom_id res chain seq x y z
N ASN A 9 -28.48 6.83 -2.73
CA ASN A 9 -27.02 6.68 -3.01
C ASN A 9 -26.20 6.60 -1.73
N PRO A 10 -25.20 5.69 -1.70
CA PRO A 10 -24.41 5.34 -0.52
C PRO A 10 -23.65 6.49 0.12
N ASN A 11 -23.54 6.45 1.44
CA ASN A 11 -22.79 7.45 2.21
C ASN A 11 -21.49 6.86 2.79
N TYR A 12 -20.54 7.75 3.07
N TYR A 12 -20.55 7.74 3.07
CA TYR A 12 -19.28 7.35 3.67
CA TYR A 12 -19.28 7.32 3.68
C TYR A 12 -18.93 8.30 4.82
C TYR A 12 -18.88 8.30 4.77
N CYS A 13 -18.49 7.73 5.95
N CYS A 13 -18.60 7.79 5.96
CA CYS A 13 -18.15 8.52 7.12
CA CYS A 13 -18.16 8.64 7.06
C CYS A 13 -16.67 8.37 7.45
C CYS A 13 -16.69 8.39 7.41
N PHE A 14 -15.93 9.49 7.46
CA PHE A 14 -14.53 9.46 7.85
C PHE A 14 -14.23 10.66 8.72
N ALA A 15 -13.44 10.45 9.76
CA ALA A 15 -13.24 11.48 10.77
C ALA A 15 -14.61 11.87 11.30
N GLY A 16 -14.89 13.16 11.37
CA GLY A 16 -16.15 13.61 11.93
C GLY A 16 -17.20 14.04 10.90
N LYS A 17 -16.94 13.75 9.63
CA LYS A 17 -17.81 14.23 8.56
C LYS A 17 -18.40 13.08 7.75
N THR A 18 -19.60 13.29 7.21
CA THR A 18 -20.22 12.30 6.34
C THR A 18 -20.32 12.85 4.93
N SER A 19 -19.96 12.03 3.95
CA SER A 19 -19.92 12.49 2.57
C SER A 19 -20.75 11.61 1.64
N SER A 20 -21.02 12.14 0.46
CA SER A 20 -21.90 11.47 -0.48
C SER A 20 -21.31 11.58 -1.89
N ILE A 21 -21.83 10.77 -2.81
CA ILE A 21 -21.43 10.82 -4.21
C ILE A 21 -21.47 12.25 -4.73
N SER A 22 -22.47 13.00 -4.29
CA SER A 22 -22.64 14.38 -4.74
C SER A 22 -21.51 15.28 -4.27
N ASP A 23 -20.69 14.79 -3.35
CA ASP A 23 -19.56 15.57 -2.86
C ASP A 23 -18.31 15.40 -3.72
N LEU A 24 -18.26 14.31 -4.50
CA LEU A 24 -17.10 14.05 -5.37
C LEU A 24 -16.99 15.11 -6.46
N LYS A 25 -15.75 15.48 -6.79
CA LYS A 25 -15.51 16.49 -7.82
C LYS A 25 -15.61 15.89 -9.22
N GLU A 26 -16.72 16.17 -9.89
CA GLU A 26 -16.94 15.61 -11.22
C GLU A 26 -16.21 16.42 -12.27
N VAL A 27 -15.34 15.76 -13.02
CA VAL A 27 -14.60 16.42 -14.09
C VAL A 27 -15.28 16.11 -15.43
N PRO A 28 -15.58 17.15 -16.22
CA PRO A 28 -16.24 16.91 -17.50
C PRO A 28 -15.42 16.00 -18.41
N ARG A 29 -16.09 15.02 -19.02
CA ARG A 29 -15.40 13.98 -19.78
C ARG A 29 -14.60 14.57 -20.93
N LYS A 30 -15.10 15.66 -21.52
CA LYS A 30 -14.44 16.29 -22.65
C LYS A 30 -13.06 16.84 -22.30
N ASN A 31 -12.81 17.05 -21.01
CA ASN A 31 -11.53 17.59 -20.59
C ASN A 31 -10.49 16.51 -20.31
N ILE A 32 -10.89 15.25 -20.48
CA ILE A 32 -10.02 14.14 -20.13
C ILE A 32 -9.52 13.38 -21.37
N THR A 33 -8.19 13.28 -21.51
CA THR A 33 -7.59 12.53 -22.59
C THR A 33 -6.76 11.36 -22.08
N LEU A 34 -6.97 10.17 -22.63
CA LEU A 34 -6.17 8.99 -22.30
C LEU A 34 -4.90 8.92 -23.15
N ILE A 35 -3.76 8.70 -22.51
CA ILE A 35 -2.47 8.65 -23.19
C ILE A 35 -2.01 7.23 -23.51
N ARG A 36 -1.92 6.39 -22.48
CA ARG A 36 -1.35 5.05 -22.63
C ARG A 36 -1.84 4.16 -21.49
N GLY A 37 -1.87 2.85 -21.73
CA GLY A 37 -2.19 1.92 -20.67
C GLY A 37 -1.03 1.77 -19.71
N LEU A 38 -1.32 1.62 -18.43
CA LEU A 38 -0.28 1.55 -17.41
C LEU A 38 -0.10 0.13 -16.89
N GLY A 39 -0.69 -0.82 -17.61
CA GLY A 39 -0.73 -2.18 -17.11
C GLY A 39 -2.02 -2.33 -16.35
N HIS A 40 -3.04 -2.81 -17.04
CA HIS A 40 -4.38 -2.86 -16.47
C HIS A 40 -4.57 -4.14 -15.66
N GLY A 41 -5.35 -4.05 -14.59
CA GLY A 41 -5.63 -5.22 -13.79
C GLY A 41 -6.42 -6.23 -14.57
N ALA A 42 -7.05 -7.16 -13.86
CA ALA A 42 -7.95 -8.12 -14.50
C ALA A 42 -9.39 -7.64 -14.37
N PHE A 43 -9.60 -6.62 -13.54
CA PHE A 43 -10.89 -5.95 -13.47
C PHE A 43 -10.72 -4.43 -13.47
N GLY A 44 -10.90 -3.82 -14.64
CA GLY A 44 -10.66 -2.40 -14.76
C GLY A 44 -9.26 -2.12 -15.26
N GLU A 45 -9.15 -1.15 -16.16
CA GLU A 45 -7.87 -0.77 -16.73
C GLU A 45 -7.37 0.51 -16.06
N VAL A 46 -6.06 0.73 -16.10
CA VAL A 46 -5.50 1.97 -15.60
C VAL A 46 -4.67 2.63 -16.69
N TYR A 47 -4.91 3.92 -16.90
CA TYR A 47 -4.25 4.66 -17.96
C TYR A 47 -3.52 5.85 -17.40
N GLU A 48 -2.50 6.31 -18.12
CA GLU A 48 -2.00 7.65 -17.92
C GLU A 48 -2.92 8.60 -18.68
N GLY A 49 -3.29 9.71 -18.05
CA GLY A 49 -4.21 10.63 -18.69
C GLY A 49 -3.81 12.09 -18.53
N GLN A 50 -4.62 12.97 -19.13
CA GLN A 50 -4.46 14.41 -18.94
C GLN A 50 -5.83 15.06 -18.77
N VAL A 51 -5.91 16.05 -17.89
CA VAL A 51 -7.15 16.77 -17.68
C VAL A 51 -7.00 18.23 -18.10
N PRO A 60 -2.43 21.65 -18.16
CA PRO A 60 -2.41 20.24 -18.55
C PRO A 60 -2.01 19.33 -17.38
N LEU A 61 -3.00 18.95 -16.58
CA LEU A 61 -2.74 18.17 -15.37
C LEU A 61 -2.61 16.69 -15.69
N GLN A 62 -1.48 16.10 -15.30
CA GLN A 62 -1.20 14.69 -15.53
C GLN A 62 -1.85 13.83 -14.44
N VAL A 63 -2.61 12.82 -14.85
CA VAL A 63 -3.32 11.99 -13.90
C VAL A 63 -3.21 10.51 -14.26
N ALA A 64 -3.54 9.66 -13.30
CA ALA A 64 -3.78 8.25 -13.58
C ALA A 64 -5.28 8.02 -13.57
N VAL A 65 -5.78 7.31 -14.57
CA VAL A 65 -7.20 7.06 -14.71
C VAL A 65 -7.51 5.60 -14.40
N LYS A 66 -8.28 5.38 -13.34
CA LYS A 66 -8.77 4.06 -13.01
C LYS A 66 -10.19 3.92 -13.55
N THR A 67 -10.44 2.86 -14.31
CA THR A 67 -11.71 2.71 -15.00
C THR A 67 -12.56 1.57 -14.44
N LEU A 68 -13.87 1.72 -14.58
CA LEU A 68 -14.83 0.68 -14.22
C LEU A 68 -15.28 0.02 -15.51
N PRO A 69 -15.18 -1.31 -15.59
CA PRO A 69 -15.68 -2.00 -16.79
C PRO A 69 -17.18 -1.76 -16.96
N GLU A 70 -17.58 -1.47 -18.19
CA GLU A 70 -18.99 -1.28 -18.48
C GLU A 70 -19.77 -2.58 -18.24
N VAL A 71 -19.07 -3.72 -18.39
CA VAL A 71 -19.66 -5.01 -18.07
C VAL A 71 -19.32 -5.35 -16.62
N CYS A 72 -20.22 -4.97 -15.71
CA CYS A 72 -19.99 -5.16 -14.28
C CYS A 72 -21.33 -5.29 -13.56
N SER A 73 -21.29 -5.77 -12.32
CA SER A 73 -22.50 -5.95 -11.53
C SER A 73 -22.87 -4.68 -10.79
N GLU A 74 -24.02 -4.72 -10.11
CA GLU A 74 -24.48 -3.61 -9.30
C GLU A 74 -23.53 -3.35 -8.14
N GLN A 75 -22.98 -4.42 -7.59
CA GLN A 75 -22.07 -4.30 -6.46
C GLN A 75 -20.73 -3.74 -6.91
N ASP A 76 -20.34 -4.08 -8.13
CA ASP A 76 -19.11 -3.54 -8.72
C ASP A 76 -19.19 -2.01 -8.79
N GLU A 77 -20.33 -1.51 -9.25
CA GLU A 77 -20.58 -0.07 -9.34
C GLU A 77 -20.39 0.59 -7.99
N LEU A 78 -21.03 0.04 -6.96
CA LEU A 78 -21.03 0.62 -5.62
C LEU A 78 -19.65 0.55 -4.98
N ASP A 79 -18.93 -0.53 -5.25
CA ASP A 79 -17.55 -0.67 -4.78
C ASP A 79 -16.66 0.42 -5.37
N PHE A 80 -16.87 0.70 -6.66
CA PHE A 80 -16.12 1.72 -7.37
C PHE A 80 -16.44 3.09 -6.79
N LEU A 81 -17.72 3.33 -6.53
CA LEU A 81 -18.16 4.57 -5.90
C LEU A 81 -17.53 4.76 -4.53
N MET A 82 -17.50 3.69 -3.73
CA MET A 82 -17.01 3.77 -2.37
C MET A 82 -15.51 4.07 -2.33
N GLU A 83 -14.77 3.49 -3.26
CA GLU A 83 -13.33 3.69 -3.34
C GLU A 83 -13.02 5.17 -3.60
N ALA A 84 -13.79 5.79 -4.50
CA ALA A 84 -13.64 7.21 -4.79
C ALA A 84 -13.89 8.05 -3.54
N LEU A 85 -14.97 7.75 -2.83
CA LEU A 85 -15.31 8.45 -1.59
C LEU A 85 -14.20 8.31 -0.56
N ILE A 86 -13.71 7.08 -0.38
CA ILE A 86 -12.65 6.82 0.60
C ILE A 86 -11.40 7.65 0.30
N ILE A 87 -10.90 7.57 -0.93
CA ILE A 87 -9.67 8.26 -1.26
C ILE A 87 -9.83 9.78 -1.27
N SER A 88 -10.98 10.27 -1.74
CA SER A 88 -11.19 11.72 -1.78
C SER A 88 -11.24 12.34 -0.38
N LYS A 89 -11.53 11.56 0.63
CA LYS A 89 -11.66 12.10 1.99
C LYS A 89 -10.35 12.22 2.77
N PHE A 90 -9.31 11.51 2.34
CA PHE A 90 -8.01 11.59 3.00
C PHE A 90 -7.31 12.90 2.67
N ASN A 91 -6.51 13.41 3.62
CA ASN A 91 -5.64 14.54 3.34
C ASN A 91 -4.28 14.31 3.96
N HIS A 92 -3.44 13.56 3.27
CA HIS A 92 -2.10 13.28 3.75
C HIS A 92 -1.13 13.08 2.60
N GLN A 93 0.11 13.53 2.80
CA GLN A 93 1.12 13.54 1.74
C GLN A 93 1.56 12.14 1.32
N ASN A 94 1.32 11.15 2.17
CA ASN A 94 1.73 9.78 1.87
C ASN A 94 0.54 8.89 1.51
N ILE A 95 -0.56 9.52 1.11
CA ILE A 95 -1.69 8.82 0.50
C ILE A 95 -2.01 9.53 -0.82
N VAL A 96 -2.13 8.77 -1.90
CA VAL A 96 -2.35 9.39 -3.20
C VAL A 96 -3.58 10.27 -3.18
N ARG A 97 -3.50 11.41 -3.85
CA ARG A 97 -4.63 12.33 -3.99
C ARG A 97 -5.60 11.83 -5.06
N CYS A 98 -6.88 12.09 -4.85
CA CYS A 98 -7.87 11.94 -5.90
C CYS A 98 -8.12 13.30 -6.54
N ILE A 99 -7.85 13.40 -7.84
CA ILE A 99 -8.06 14.64 -8.59
C ILE A 99 -9.56 14.91 -8.75
N GLY A 100 -10.32 13.85 -8.92
CA GLY A 100 -11.74 13.97 -9.16
C GLY A 100 -12.24 12.67 -9.76
N VAL A 101 -13.45 12.71 -10.31
CA VAL A 101 -14.07 11.55 -10.91
C VAL A 101 -14.77 11.94 -12.20
N SER A 102 -15.06 10.97 -13.05
CA SER A 102 -16.00 11.17 -14.15
C SER A 102 -16.98 10.00 -14.16
N LEU A 103 -18.09 10.16 -13.46
CA LEU A 103 -19.02 9.07 -13.22
C LEU A 103 -20.27 9.19 -14.09
N GLN A 104 -20.45 10.36 -14.69
CA GLN A 104 -21.66 10.62 -15.46
C GLN A 104 -21.54 10.19 -16.92
N SER A 105 -20.35 9.71 -17.29
CA SER A 105 -20.11 9.10 -18.59
C SER A 105 -19.54 7.70 -18.41
N LEU A 106 -19.77 6.84 -19.41
CA LEU A 106 -19.28 5.47 -19.37
C LEU A 106 -18.18 5.26 -20.41
N PRO A 107 -17.12 4.51 -20.06
CA PRO A 107 -16.90 3.86 -18.76
C PRO A 107 -16.56 4.89 -17.67
N ARG A 108 -16.92 4.58 -16.43
CA ARG A 108 -16.70 5.52 -15.34
C ARG A 108 -15.22 5.62 -14.96
N PHE A 109 -14.78 6.82 -14.57
CA PHE A 109 -13.37 7.09 -14.26
C PHE A 109 -13.19 7.57 -12.81
N ILE A 110 -12.08 7.14 -12.21
CA ILE A 110 -11.55 7.81 -11.02
C ILE A 110 -10.17 8.33 -11.36
N LEU A 111 -9.94 9.62 -11.10
CA LEU A 111 -8.69 10.27 -11.49
C LEU A 111 -7.79 10.46 -10.28
N LEU A 112 -6.60 9.86 -10.33
CA LEU A 112 -5.68 9.89 -9.20
C LEU A 112 -4.40 10.64 -9.53
N GLU A 113 -3.75 11.11 -8.48
CA GLU A 113 -2.39 11.61 -8.57
C GLU A 113 -1.54 10.63 -9.38
N PHE A 114 -0.86 11.13 -10.41
CA PHE A 114 -0.03 10.27 -11.26
C PHE A 114 1.30 9.95 -10.58
N MET A 115 1.56 8.66 -10.38
CA MET A 115 2.75 8.22 -9.66
C MET A 115 3.70 7.50 -10.60
N ALA A 116 4.61 8.27 -11.20
CA ALA A 116 5.41 7.81 -12.32
C ALA A 116 6.37 6.68 -11.97
N GLY A 117 6.65 6.52 -10.67
CA GLY A 117 7.50 5.43 -10.25
C GLY A 117 6.83 4.08 -10.23
N GLY A 118 5.51 4.07 -10.44
CA GLY A 118 4.77 2.82 -10.44
C GLY A 118 4.55 2.24 -9.05
N ASP A 119 4.10 0.99 -8.98
CA ASP A 119 3.91 0.34 -7.69
C ASP A 119 5.24 -0.11 -7.09
N LEU A 120 5.28 -0.24 -5.77
CA LEU A 120 6.52 -0.46 -5.04
C LEU A 120 7.14 -1.84 -5.29
N LYS A 121 6.33 -2.88 -5.40
CA LYS A 121 6.87 -4.22 -5.64
C LYS A 121 7.62 -4.30 -6.96
N SER A 122 7.01 -3.78 -8.03
CA SER A 122 7.65 -3.78 -9.34
C SER A 122 8.90 -2.91 -9.33
N PHE A 123 8.81 -1.76 -8.69
CA PHE A 123 9.95 -0.85 -8.59
C PHE A 123 11.13 -1.53 -7.90
N LEU A 124 10.89 -2.19 -6.77
CA LEU A 124 11.97 -2.87 -6.05
C LEU A 124 12.60 -3.95 -6.94
N ARG A 125 11.77 -4.74 -7.59
CA ARG A 125 12.26 -5.81 -8.45
C ARG A 125 13.01 -5.25 -9.66
N GLU A 126 12.49 -4.19 -10.25
CA GLU A 126 13.07 -3.61 -11.46
C GLU A 126 14.30 -2.76 -11.17
N THR A 127 14.45 -2.33 -9.92
CA THR A 127 15.49 -1.36 -9.59
C THR A 127 16.53 -1.95 -8.63
N ARG A 128 16.45 -3.26 -8.42
CA ARG A 128 17.47 -3.99 -7.65
C ARG A 128 18.88 -3.66 -8.16
N PRO A 129 19.80 -3.36 -7.24
CA PRO A 129 21.19 -3.16 -7.68
C PRO A 129 21.71 -4.33 -8.49
N ARG A 130 22.32 -4.02 -9.64
CA ARG A 130 22.71 -5.03 -10.61
C ARG A 130 24.14 -4.68 -11.04
N PRO A 131 24.85 -5.65 -11.63
CA PRO A 131 26.21 -5.35 -12.09
C PRO A 131 26.27 -4.14 -13.03
N SER A 132 25.17 -3.90 -13.74
CA SER A 132 25.08 -2.74 -14.63
C SER A 132 24.93 -1.43 -13.86
N GLN A 133 23.96 -1.38 -12.94
CA GLN A 133 23.81 -0.23 -12.04
C GLN A 133 23.90 -0.70 -10.59
N PRO A 134 25.13 -0.92 -10.10
CA PRO A 134 25.37 -1.48 -8.77
C PRO A 134 24.92 -0.57 -7.62
N SER A 135 24.72 0.71 -7.93
CA SER A 135 24.25 1.66 -6.93
C SER A 135 22.89 2.25 -7.32
N SER A 136 22.03 1.41 -7.87
CA SER A 136 20.67 1.81 -8.20
C SER A 136 19.89 2.18 -6.93
N LEU A 137 20.23 1.51 -5.84
CA LEU A 137 19.52 1.69 -4.58
C LEU A 137 20.48 1.49 -3.41
N ALA A 138 20.26 2.21 -2.31
CA ALA A 138 21.03 2.04 -1.09
C ALA A 138 20.10 1.81 0.09
N MET A 139 20.66 1.49 1.24
CA MET A 139 19.87 1.20 2.43
C MET A 139 18.99 2.39 2.84
N LEU A 140 19.52 3.62 2.72
CA LEU A 140 18.75 4.80 3.11
C LEU A 140 17.53 5.02 2.20
N ASP A 141 17.64 4.64 0.93
CA ASP A 141 16.48 4.70 0.03
C ASP A 141 15.35 3.82 0.54
N LEU A 142 15.68 2.62 0.99
CA LEU A 142 14.70 1.68 1.52
C LEU A 142 14.07 2.18 2.82
N LEU A 143 14.90 2.75 3.68
CA LEU A 143 14.42 3.30 4.94
C LEU A 143 13.49 4.49 4.71
N HIS A 144 13.75 5.27 3.68
CA HIS A 144 12.89 6.41 3.37
C HIS A 144 11.53 5.99 2.84
N VAL A 145 11.52 5.00 1.95
CA VAL A 145 10.25 4.40 1.53
C VAL A 145 9.44 3.87 2.71
N ALA A 146 10.10 3.16 3.62
CA ALA A 146 9.41 2.59 4.78
C ALA A 146 8.88 3.67 5.70
N ARG A 147 9.67 4.74 5.85
CA ARG A 147 9.26 5.88 6.65
C ARG A 147 8.03 6.58 6.05
N ASP A 148 8.04 6.76 4.74
CA ASP A 148 6.92 7.38 4.02
C ASP A 148 5.63 6.61 4.27
N ILE A 149 5.65 5.30 4.09
CA ILE A 149 4.45 4.49 4.25
C ILE A 149 4.02 4.41 5.71
N ALA A 150 4.99 4.32 6.62
CA ALA A 150 4.68 4.36 8.06
C ALA A 150 4.00 5.67 8.43
N CYS A 151 4.34 6.75 7.72
N CYS A 151 4.36 6.76 7.75
CA CYS A 151 3.75 8.04 8.01
CA CYS A 151 3.72 8.05 8.01
C CYS A 151 2.30 8.09 7.50
C CYS A 151 2.28 8.00 7.55
N GLY A 152 2.04 7.44 6.37
CA GLY A 152 0.69 7.26 5.91
C GLY A 152 -0.13 6.40 6.85
N CYS A 153 0.47 5.33 7.35
CA CYS A 153 -0.22 4.41 8.24
C CYS A 153 -0.53 5.06 9.58
N GLN A 154 0.36 5.93 10.05
CA GLN A 154 0.13 6.65 11.29
C GLN A 154 -1.07 7.58 11.15
N TYR A 155 -1.18 8.22 9.99
CA TYR A 155 -2.33 9.07 9.68
C TYR A 155 -3.62 8.28 9.71
N LEU A 156 -3.61 7.09 9.12
CA LEU A 156 -4.81 6.25 9.10
C LEU A 156 -5.15 5.84 10.54
N GLU A 157 -4.14 5.47 11.31
CA GLU A 157 -4.34 5.01 12.68
C GLU A 157 -4.94 6.10 13.55
N GLU A 158 -4.39 7.31 13.48
CA GLU A 158 -4.87 8.38 14.34
C GLU A 158 -6.24 8.88 13.90
N ASN A 159 -6.64 8.49 12.69
CA ASN A 159 -8.00 8.76 12.22
C ASN A 159 -8.86 7.51 12.23
N HIS A 160 -8.42 6.47 12.93
CA HIS A 160 -9.20 5.28 13.16
C HIS A 160 -9.63 4.56 11.89
N PHE A 161 -8.77 4.58 10.87
CA PHE A 161 -9.06 3.86 9.63
C PHE A 161 -8.15 2.63 9.55
N ILE A 162 -8.74 1.47 9.29
CA ILE A 162 -7.97 0.24 9.21
C ILE A 162 -7.85 -0.19 7.77
N HIS A 163 -6.62 -0.26 7.26
CA HIS A 163 -6.43 -0.48 5.84
C HIS A 163 -6.71 -1.93 5.42
N ARG A 164 -6.21 -2.86 6.22
CA ARG A 164 -6.44 -4.29 6.04
C ARG A 164 -5.59 -4.99 4.98
N ASP A 165 -4.87 -4.21 4.16
CA ASP A 165 -4.10 -4.81 3.07
C ASP A 165 -2.81 -4.05 2.78
N ILE A 166 -2.08 -3.68 3.82
CA ILE A 166 -0.81 -2.98 3.65
C ILE A 166 0.23 -3.94 3.05
N ALA A 167 0.68 -3.64 1.84
CA ALA A 167 1.58 -4.52 1.10
C ALA A 167 2.18 -3.71 -0.05
N ALA A 168 3.35 -4.14 -0.53
CA ALA A 168 4.10 -3.37 -1.52
C ALA A 168 3.33 -3.18 -2.82
N ARG A 169 2.50 -4.15 -3.18
CA ARG A 169 1.70 -4.07 -4.40
C ARG A 169 0.70 -2.91 -4.33
N ASN A 170 0.41 -2.45 -3.12
CA ASN A 170 -0.58 -1.39 -2.91
C ASN A 170 0.02 -0.02 -2.61
N CYS A 171 1.34 0.08 -2.77
CA CYS A 171 2.05 1.34 -2.59
C CYS A 171 2.62 1.85 -3.92
N LEU A 172 2.69 3.16 -4.07
CA LEU A 172 3.16 3.79 -5.32
C LEU A 172 4.30 4.76 -5.04
N LEU A 173 5.07 5.07 -6.08
CA LEU A 173 6.18 6.02 -5.94
C LEU A 173 6.03 7.18 -6.92
N THR A 174 6.33 8.39 -6.45
CA THR A 174 6.12 9.59 -7.27
C THR A 174 7.03 9.59 -8.49
N CYS A 175 8.20 8.97 -8.36
CA CYS A 175 9.17 8.89 -9.45
C CYS A 175 10.21 7.80 -9.16
N PRO A 176 10.93 7.36 -10.20
CA PRO A 176 11.97 6.33 -10.10
C PRO A 176 13.21 6.80 -9.33
N GLY A 177 13.56 8.08 -9.50
CA GLY A 177 14.84 8.58 -9.03
C GLY A 177 14.83 9.02 -7.57
N PRO A 178 15.94 9.61 -7.11
CA PRO A 178 16.29 9.85 -5.70
C PRO A 178 15.31 10.68 -4.87
N GLY A 179 14.55 11.55 -5.52
CA GLY A 179 13.61 12.37 -4.78
C GLY A 179 12.26 11.70 -4.51
N ARG A 180 12.17 10.40 -4.79
CA ARG A 180 10.89 9.70 -4.76
C ARG A 180 10.21 9.77 -3.40
N VAL A 181 8.88 9.83 -3.43
CA VAL A 181 8.07 9.71 -2.21
C VAL A 181 7.12 8.51 -2.38
N ALA A 182 7.04 7.68 -1.36
CA ALA A 182 6.15 6.52 -1.38
C ALA A 182 4.80 6.85 -0.74
N LYS A 183 3.73 6.32 -1.31
CA LYS A 183 2.37 6.60 -0.82
C LYS A 183 1.49 5.37 -0.96
N ILE A 184 0.52 5.24 -0.07
CA ILE A 184 -0.47 4.18 -0.19
C ILE A 184 -1.44 4.55 -1.30
N GLY A 185 -1.65 3.62 -2.23
CA GLY A 185 -2.34 3.97 -3.45
C GLY A 185 -3.58 3.15 -3.77
N ASP A 186 -3.84 2.12 -2.97
CA ASP A 186 -5.02 1.26 -3.18
C ASP A 186 -5.74 1.00 -1.87
N PHE A 187 -7.07 1.08 -1.91
CA PHE A 187 -7.90 0.90 -0.73
C PHE A 187 -9.06 -0.07 -0.99
N GLY A 188 -8.86 -1.02 -1.90
CA GLY A 188 -9.92 -1.93 -2.30
C GLY A 188 -10.41 -2.89 -1.22
N MET A 189 -9.50 -3.36 -0.36
CA MET A 189 -9.89 -4.26 0.72
C MET A 189 -10.74 -3.56 1.78
N ALA A 190 -10.27 -2.40 2.25
CA ALA A 190 -11.03 -1.62 3.21
C ALA A 190 -12.40 -1.26 2.65
N ARG A 191 -12.47 -1.13 1.32
CA ARG A 191 -13.71 -0.80 0.63
C ARG A 191 -14.66 -2.00 0.60
N ASP A 192 -14.10 -3.19 0.37
CA ASP A 192 -14.88 -4.41 0.35
C ASP A 192 -15.53 -4.68 1.70
N ILE A 193 -14.78 -4.42 2.77
CA ILE A 193 -15.23 -4.71 4.12
C ILE A 193 -16.25 -3.67 4.59
N TYR A 194 -16.13 -2.45 4.08
CA TYR A 194 -17.01 -1.37 4.46
C TYR A 194 -18.42 -1.62 3.92
N ARG A 195 -18.52 -2.30 2.77
CA ARG A 195 -19.80 -2.57 2.14
C ARG A 195 -20.55 -1.28 1.83
N GLY A 202 -15.16 -12.29 -3.39
CA GLY A 202 -14.49 -12.61 -2.15
C GLY A 202 -14.29 -14.10 -1.94
N GLY A 203 -13.26 -14.47 -1.19
CA GLY A 203 -12.99 -15.88 -0.94
C GLY A 203 -11.68 -16.13 -0.22
N CYS A 204 -11.52 -17.34 0.31
CA CYS A 204 -10.31 -17.71 1.03
C CYS A 204 -9.04 -17.58 0.20
N ALA A 205 -9.11 -18.00 -1.06
CA ALA A 205 -7.93 -18.02 -1.92
C ALA A 205 -7.50 -16.62 -2.36
N MET A 206 -8.37 -15.64 -2.13
CA MET A 206 -8.07 -14.25 -2.46
C MET A 206 -7.60 -13.42 -1.26
N LEU A 207 -7.77 -13.95 -0.06
CA LEU A 207 -7.30 -13.25 1.14
C LEU A 207 -5.78 -13.17 1.17
N PRO A 208 -5.22 -12.00 1.50
CA PRO A 208 -3.77 -11.83 1.62
C PRO A 208 -3.24 -12.41 2.93
N VAL A 209 -3.38 -13.73 3.12
CA VAL A 209 -3.06 -14.33 4.41
C VAL A 209 -1.59 -14.14 4.80
N LYS A 210 -0.70 -14.00 3.82
CA LYS A 210 0.72 -13.80 4.13
C LYS A 210 1.02 -12.44 4.75
N TRP A 211 0.06 -11.53 4.71
CA TRP A 211 0.19 -10.22 5.33
C TRP A 211 -0.63 -10.08 6.62
N MET A 212 -1.27 -11.17 7.06
CA MET A 212 -2.24 -11.07 8.15
C MET A 212 -1.79 -11.73 9.45
N PRO A 213 -2.07 -11.07 10.59
CA PRO A 213 -1.82 -11.59 11.93
C PRO A 213 -2.80 -12.71 12.28
N PRO A 214 -2.45 -13.55 13.27
CA PRO A 214 -3.27 -14.71 13.63
C PRO A 214 -4.73 -14.38 13.95
N GLU A 215 -4.96 -13.35 14.76
CA GLU A 215 -6.33 -13.01 15.13
C GLU A 215 -7.14 -12.55 13.92
N ALA A 216 -6.47 -12.04 12.90
CA ALA A 216 -7.15 -11.61 11.69
C ALA A 216 -7.64 -12.80 10.86
N PHE A 217 -6.76 -13.75 10.56
CA PHE A 217 -7.20 -14.88 9.72
C PHE A 217 -7.88 -16.01 10.49
N MET A 218 -7.73 -16.05 11.81
CA MET A 218 -8.44 -17.03 12.62
C MET A 218 -9.81 -16.56 13.09
N GLU A 219 -9.88 -15.30 13.52
CA GLU A 219 -11.08 -14.77 14.18
C GLU A 219 -11.76 -13.70 13.35
N GLY A 220 -11.07 -13.19 12.34
CA GLY A 220 -11.62 -12.08 11.58
C GLY A 220 -11.68 -10.81 12.39
N ILE A 221 -10.77 -10.67 13.35
CA ILE A 221 -10.67 -9.46 14.14
C ILE A 221 -9.65 -8.53 13.53
N PHE A 222 -10.06 -7.30 13.24
CA PHE A 222 -9.18 -6.30 12.67
C PHE A 222 -9.12 -5.05 13.57
N THR A 223 -7.90 -4.59 13.84
CA THR A 223 -7.68 -3.35 14.59
C THR A 223 -6.52 -2.62 13.94
N SER A 224 -6.08 -1.52 14.55
CA SER A 224 -4.89 -0.82 14.05
C SER A 224 -3.66 -1.71 14.16
N LYS A 225 -3.70 -2.70 15.06
CA LYS A 225 -2.58 -3.59 15.24
C LYS A 225 -2.55 -4.67 14.15
N THR A 226 -3.65 -4.79 13.41
CA THR A 226 -3.68 -5.58 12.19
C THR A 226 -2.72 -4.98 11.17
N ASP A 227 -2.82 -3.67 10.99
CA ASP A 227 -1.98 -2.97 10.02
C ASP A 227 -0.52 -2.96 10.46
N THR A 228 -0.27 -2.92 11.76
CA THR A 228 1.08 -3.02 12.28
C THR A 228 1.75 -4.32 11.84
N TRP A 229 1.03 -5.43 12.00
CA TRP A 229 1.56 -6.71 11.57
C TRP A 229 1.88 -6.67 10.07
N SER A 230 0.92 -6.22 9.27
CA SER A 230 1.08 -6.16 7.81
C SER A 230 2.26 -5.27 7.42
N PHE A 231 2.46 -4.16 8.14
CA PHE A 231 3.57 -3.28 7.84
C PHE A 231 4.90 -4.00 8.06
N GLY A 232 4.95 -4.85 9.09
CA GLY A 232 6.14 -5.66 9.31
C GLY A 232 6.46 -6.51 8.10
N VAL A 233 5.42 -7.10 7.49
CA VAL A 233 5.60 -7.89 6.28
C VAL A 233 6.02 -7.02 5.11
N LEU A 234 5.45 -5.82 5.01
CA LEU A 234 5.88 -4.85 3.99
C LEU A 234 7.36 -4.51 4.15
N LEU A 235 7.81 -4.30 5.39
CA LEU A 235 9.21 -4.05 5.67
C LEU A 235 10.09 -5.15 5.10
N TRP A 236 9.65 -6.39 5.25
CA TRP A 236 10.41 -7.51 4.74
C TRP A 236 10.44 -7.49 3.22
N GLU A 237 9.30 -7.18 2.61
CA GLU A 237 9.23 -7.01 1.16
C GLU A 237 10.22 -5.95 0.68
N ILE A 238 10.27 -4.83 1.40
CA ILE A 238 11.15 -3.72 1.03
C ILE A 238 12.63 -4.13 1.14
N PHE A 239 13.02 -4.69 2.27
CA PHE A 239 14.42 -4.99 2.49
C PHE A 239 14.90 -6.27 1.81
N SER A 240 13.98 -7.10 1.34
CA SER A 240 14.32 -8.21 0.46
C SER A 240 14.40 -7.76 -0.99
N LEU A 241 14.01 -6.51 -1.24
CA LEU A 241 13.94 -5.96 -2.59
C LEU A 241 12.90 -6.63 -3.47
N GLY A 242 11.70 -6.87 -2.93
CA GLY A 242 10.59 -7.28 -3.77
C GLY A 242 10.31 -8.77 -3.85
N TYR A 243 10.86 -9.54 -2.93
CA TYR A 243 10.54 -10.96 -2.85
C TYR A 243 9.13 -11.16 -2.31
N MET A 244 8.50 -12.26 -2.72
CA MET A 244 7.25 -12.71 -2.13
C MET A 244 7.52 -13.23 -0.71
N PRO A 245 6.71 -12.78 0.27
CA PRO A 245 6.84 -13.26 1.66
C PRO A 245 6.74 -14.77 1.79
N TYR A 246 7.40 -15.30 2.81
CA TYR A 246 7.43 -16.75 3.06
C TYR A 246 7.69 -17.54 1.78
N PRO A 247 8.91 -17.38 1.22
CA PRO A 247 9.30 -18.01 -0.05
C PRO A 247 9.09 -19.52 -0.04
N SER A 248 8.41 -20.04 -1.06
CA SER A 248 8.18 -21.47 -1.22
C SER A 248 7.05 -22.01 -0.33
N LYS A 249 6.47 -21.15 0.50
CA LYS A 249 5.33 -21.54 1.32
C LYS A 249 4.01 -21.09 0.71
N SER A 250 3.01 -21.97 0.78
CA SER A 250 1.66 -21.67 0.33
C SER A 250 0.91 -20.94 1.44
N ASN A 251 -0.29 -20.45 1.12
CA ASN A 251 -1.10 -19.73 2.09
C ASN A 251 -1.41 -20.58 3.33
N GLN A 252 -1.78 -21.85 3.13
CA GLN A 252 -2.14 -22.70 4.26
C GLN A 252 -0.93 -23.03 5.12
N GLU A 253 0.23 -23.22 4.47
CA GLU A 253 1.46 -23.50 5.19
C GLU A 253 1.88 -22.29 6.03
N VAL A 254 1.71 -21.10 5.49
CA VAL A 254 2.01 -19.89 6.23
C VAL A 254 1.07 -19.75 7.43
N LEU A 255 -0.20 -19.99 7.19
CA LEU A 255 -1.21 -19.93 8.24
C LEU A 255 -0.82 -20.81 9.42
N GLU A 256 -0.41 -22.05 9.14
CA GLU A 256 0.02 -22.97 10.20
C GLU A 256 1.38 -22.60 10.78
N PHE A 257 2.31 -22.18 9.93
CA PHE A 257 3.63 -21.70 10.36
C PHE A 257 3.51 -20.55 11.36
N VAL A 258 2.78 -19.51 10.97
CA VAL A 258 2.67 -18.31 11.79
C VAL A 258 1.86 -18.55 13.07
N THR A 259 0.83 -19.39 12.98
CA THR A 259 0.02 -19.70 14.15
C THR A 259 0.83 -20.45 15.22
N SER A 260 1.85 -21.18 14.78
CA SER A 260 2.72 -21.93 15.68
C SER A 260 3.93 -21.13 16.17
N GLY A 261 3.96 -19.84 15.89
CA GLY A 261 5.05 -19.01 16.35
C GLY A 261 6.15 -18.77 15.33
N GLY A 262 6.04 -19.36 14.14
CA GLY A 262 7.05 -19.19 13.12
C GLY A 262 7.05 -17.83 12.46
N ARG A 263 8.24 -17.29 12.22
CA ARG A 263 8.38 -15.98 11.58
C ARG A 263 9.48 -16.03 10.52
N MET A 264 9.44 -15.10 9.56
CA MET A 264 10.47 -15.05 8.53
C MET A 264 11.85 -14.74 9.11
N ASP A 265 12.88 -15.30 8.47
CA ASP A 265 14.25 -14.89 8.74
C ASP A 265 14.50 -13.50 8.16
N PRO A 266 15.62 -12.87 8.55
CA PRO A 266 15.95 -11.56 7.97
C PRO A 266 16.13 -11.67 6.47
N PRO A 267 15.73 -10.64 5.71
CA PRO A 267 16.09 -10.58 4.30
C PRO A 267 17.61 -10.53 4.18
N LYS A 268 18.13 -10.91 3.02
CA LYS A 268 19.57 -10.93 2.80
C LYS A 268 20.19 -9.56 3.08
N ASN A 269 21.20 -9.53 3.96
CA ASN A 269 21.96 -8.32 4.29
C ASN A 269 21.23 -7.34 5.19
N CYS A 270 20.10 -7.76 5.75
CA CYS A 270 19.27 -6.85 6.52
C CYS A 270 19.92 -6.53 7.85
N PRO A 271 20.10 -5.23 8.16
CA PRO A 271 20.68 -4.82 9.45
C PRO A 271 19.81 -5.26 10.62
N GLY A 272 20.45 -5.61 11.72
CA GLY A 272 19.72 -6.10 12.88
C GLY A 272 18.66 -5.14 13.42
N PRO A 273 18.94 -3.82 13.46
CA PRO A 273 17.95 -2.86 13.93
C PRO A 273 16.68 -2.84 13.09
N VAL A 274 16.81 -3.10 11.79
CA VAL A 274 15.65 -3.14 10.91
C VAL A 274 14.87 -4.43 11.11
N TYR A 275 15.56 -5.55 11.20
CA TYR A 275 14.88 -6.82 11.45
C TYR A 275 14.13 -6.79 12.78
N ARG A 276 14.68 -6.07 13.74
CA ARG A 276 14.09 -5.96 15.08
C ARG A 276 12.72 -5.27 15.03
N ILE A 277 12.58 -4.31 14.12
CA ILE A 277 11.29 -3.65 13.92
C ILE A 277 10.29 -4.66 13.37
N MET A 278 10.70 -5.46 12.40
CA MET A 278 9.84 -6.49 11.84
C MET A 278 9.35 -7.46 12.91
N THR A 279 10.24 -7.92 13.78
CA THR A 279 9.87 -8.95 14.74
C THR A 279 8.95 -8.38 15.82
N GLN A 280 9.08 -7.09 16.10
CA GLN A 280 8.18 -6.41 17.03
C GLN A 280 6.79 -6.23 16.41
N CYS A 281 6.74 -5.89 15.12
CA CYS A 281 5.48 -5.85 14.38
C CYS A 281 4.76 -7.21 14.37
N TRP A 282 5.53 -8.30 14.49
CA TRP A 282 4.96 -9.64 14.42
C TRP A 282 4.77 -10.31 15.77
N GLN A 283 4.63 -9.54 16.84
CA GLN A 283 4.36 -10.15 18.13
C GLN A 283 3.01 -10.85 18.08
N HIS A 284 2.89 -12.00 18.71
CA HIS A 284 1.66 -12.78 18.62
C HIS A 284 0.46 -12.02 19.18
N GLN A 285 0.64 -11.38 20.33
CA GLN A 285 -0.43 -10.60 20.95
C GLN A 285 -0.47 -9.18 20.40
N PRO A 286 -1.62 -8.75 19.87
CA PRO A 286 -1.67 -7.40 19.29
C PRO A 286 -1.27 -6.29 20.28
N GLU A 287 -1.55 -6.47 21.56
CA GLU A 287 -1.19 -5.46 22.55
C GLU A 287 0.33 -5.32 22.74
N ASP A 288 1.08 -6.35 22.35
CA ASP A 288 2.55 -6.32 22.46
C ASP A 288 3.22 -5.70 21.24
N ARG A 289 2.44 -5.35 20.22
CA ARG A 289 3.00 -4.77 19.01
C ARG A 289 2.95 -3.25 19.08
N PRO A 290 3.93 -2.57 18.45
CA PRO A 290 4.01 -1.11 18.48
C PRO A 290 2.91 -0.43 17.67
N ASN A 291 2.52 0.77 18.09
CA ASN A 291 1.69 1.62 17.26
C ASN A 291 2.61 2.34 16.27
N PHE A 292 2.04 3.06 15.31
CA PHE A 292 2.87 3.58 14.24
C PHE A 292 3.73 4.76 14.65
N ALA A 293 3.35 5.45 15.73
CA ALA A 293 4.23 6.48 16.28
C ALA A 293 5.54 5.86 16.74
N ILE A 294 5.47 4.71 17.38
CA ILE A 294 6.66 4.02 17.85
C ILE A 294 7.44 3.44 16.67
N ILE A 295 6.74 2.88 15.69
CA ILE A 295 7.42 2.37 14.51
C ILE A 295 8.22 3.48 13.81
N LEU A 296 7.61 4.65 13.65
CA LEU A 296 8.28 5.79 13.04
C LEU A 296 9.53 6.22 13.81
N GLU A 297 9.45 6.23 15.13
CA GLU A 297 10.61 6.60 15.94
C GLU A 297 11.76 5.63 15.73
N ARG A 298 11.44 4.34 15.65
CA ARG A 298 12.46 3.32 15.46
C ARG A 298 13.06 3.36 14.07
N ILE A 299 12.23 3.64 13.06
CA ILE A 299 12.76 3.78 11.70
C ILE A 299 13.71 4.97 11.62
N GLU A 300 13.33 6.06 12.28
CA GLU A 300 14.18 7.24 12.30
C GLU A 300 15.53 6.98 12.97
N TYR A 301 15.54 6.16 14.01
CA TYR A 301 16.78 5.82 14.70
C TYR A 301 17.69 4.98 13.81
N CYS A 302 17.09 4.11 12.99
CA CYS A 302 17.83 3.36 11.99
C CYS A 302 18.53 4.28 10.98
N THR A 303 17.85 5.33 10.54
CA THR A 303 18.43 6.23 9.54
C THR A 303 19.61 7.02 10.13
N GLN A 304 19.63 7.17 11.44
CA GLN A 304 20.72 7.87 12.13
C GLN A 304 21.95 6.99 12.36
N ASP A 305 21.77 5.68 12.32
CA ASP A 305 22.85 4.75 12.63
C ASP A 305 23.70 4.47 11.39
N PRO A 306 24.96 4.93 11.40
CA PRO A 306 25.81 4.78 10.21
C PRO A 306 26.01 3.31 9.84
N ASP A 307 26.05 2.44 10.85
CA ASP A 307 26.26 1.02 10.61
C ASP A 307 25.04 0.39 9.92
N VAL A 308 23.88 1.02 10.06
CA VAL A 308 22.73 0.58 9.28
C VAL A 308 22.82 1.08 7.85
N ILE A 309 22.95 2.38 7.67
CA ILE A 309 22.80 2.95 6.34
C ILE A 309 24.04 2.79 5.48
N ASN A 310 25.17 2.44 6.10
CA ASN A 310 26.38 2.09 5.33
C ASN A 310 26.41 0.61 4.92
N THR A 311 25.34 -0.12 5.23
CA THR A 311 25.29 -1.54 4.89
C THR A 311 24.96 -1.72 3.40
N ALA A 312 25.74 -2.55 2.73
CA ALA A 312 25.59 -2.73 1.29
C ALA A 312 24.45 -3.69 0.99
N LEU A 313 23.61 -3.32 0.03
CA LEU A 313 22.57 -4.21 -0.45
C LEU A 313 23.18 -5.25 -1.37
N PRO A 314 22.57 -6.43 -1.45
CA PRO A 314 23.04 -7.51 -2.33
C PRO A 314 22.82 -7.19 -3.81
N ILE A 315 23.89 -7.27 -4.59
CA ILE A 315 23.81 -7.07 -6.03
C ILE A 315 23.60 -8.43 -6.69
N GLU A 316 22.41 -8.68 -7.22
CA GLU A 316 22.13 -9.98 -7.81
C GLU A 316 22.74 -10.07 -9.21
N TYR A 317 23.47 -11.16 -9.44
CA TYR A 317 24.20 -11.32 -10.69
C TYR A 317 23.32 -12.02 -11.72
N GLY A 318 23.62 -11.91 -12.93
C23 5P8 B . 2.68 4.55 -13.86
C12 5P8 B . -1.17 -0.39 -8.44
C13 5P8 B . -1.15 -0.08 -7.06
C6 5P8 B . -0.77 3.60 -10.97
C15 5P8 B . -2.54 1.92 -7.47
C4 5P8 B . 0.73 5.41 -11.28
C19 5P8 B . 2.30 3.33 -13.24
C5 5P8 B . 0.46 4.04 -11.51
C18 5P8 B . 1.35 3.07 -12.22
C11 5P8 B . -1.87 0.46 -9.36
C10 5P8 B . -2.58 1.64 -8.89
C1 5P8 B . -1.67 4.43 -10.26
C14 5P8 B . -1.83 1.05 -6.59
C22 5P8 B . 1.46 1.61 -12.04
C2 5P8 B . -1.31 5.78 -10.09
C27 5P8 B . -1.82 0.04 -10.80
C28 5P8 B . 0.73 0.66 -11.10
C8 5P8 B . -3.36 2.62 -9.82
C9 5P8 B . -4.86 2.64 -9.49
C25 5P8 B . 3.90 1.82 -14.52
C29 5P8 B . -0.69 -0.30 -12.98
N24 5P8 B . 2.99 5.56 -14.34
N3 5P8 B . -0.12 6.27 -10.60
N21 5P8 B . 2.37 1.07 -12.84
N20 5P8 B . 2.86 2.09 -13.55
N26 5P8 B . -0.61 0.15 -11.58
N17 5P8 B . -2.15 6.67 -9.38
O30 5P8 B . -2.90 -0.38 -11.24
O7 5P8 B . -2.89 4.00 -9.71
F16 5P8 B . -1.81 1.33 -5.29
#